data_7PWK
#
_entry.id   7PWK
#
_cell.length_a   45.450
_cell.length_b   69.300
_cell.length_c   162.930
_cell.angle_alpha   90.000
_cell.angle_beta   90.000
_cell.angle_gamma   90.000
#
_symmetry.space_group_name_H-M   'P 21 21 21'
#
loop_
_entity.id
_entity.type
_entity.pdbx_description
1 polymer 'Protein mono-ADP-ribosyltransferase PARP15'
2 non-polymer 4-(cyclopropylmethoxy)benzamide
3 water water
#
_entity_poly.entity_id   1
_entity_poly.type   'polypeptide(L)'
_entity_poly.pdbx_seq_one_letter_code
;MHHHHHHSSGVDLGTENLYFQSMNLPEHWTDMNHQLFCMVQLEPGQSEYNTIKDKFTRTCSSYAIEKIERIQNAFLWQSY
QVKKRQMDIKNDHKNNERLLFHGTDADSVPYVNQHGFNRSCAGKNAVSYGKGTYFAVDASYSAKDTYSKPDSNGRKHMYV
VRVLTGVFTKGRAGLVTPPPKNPHNPTDLFDSVTNNTRSPKLFVVFFDNQAYPEYLITFTA
;
_entity_poly.pdbx_strand_id   A,B
#
# COMPACT_ATOMS: atom_id res chain seq x y z
N ASN A 24 5.93 -18.47 -5.23
CA ASN A 24 7.38 -18.54 -5.60
C ASN A 24 8.22 -18.28 -4.34
N LEU A 25 8.10 -19.16 -3.34
CA LEU A 25 8.62 -18.97 -1.95
C LEU A 25 10.08 -19.38 -1.88
N PRO A 26 10.96 -18.59 -1.22
CA PRO A 26 12.41 -18.75 -1.33
C PRO A 26 12.87 -20.09 -0.75
N GLU A 27 14.06 -20.55 -1.19
CA GLU A 27 14.59 -21.92 -0.95
C GLU A 27 14.92 -22.10 0.54
N HIS A 28 15.53 -21.10 1.17
CA HIS A 28 15.98 -21.14 2.59
C HIS A 28 14.79 -21.14 3.57
N TRP A 29 13.56 -20.91 3.09
CA TRP A 29 12.34 -21.05 3.93
C TRP A 29 12.15 -22.55 4.21
N THR A 30 11.56 -22.89 5.34
CA THR A 30 11.23 -24.28 5.71
C THR A 30 9.75 -24.49 5.43
N ASP A 31 9.35 -25.76 5.25
CA ASP A 31 7.98 -26.17 4.81
C ASP A 31 6.94 -25.59 5.77
N MET A 32 5.79 -25.15 5.25
CA MET A 32 4.75 -24.50 6.09
C MET A 32 3.48 -25.36 6.19
N ASN A 33 3.56 -26.65 5.85
CA ASN A 33 2.42 -27.60 5.96
C ASN A 33 1.17 -26.94 5.37
N HIS A 34 1.33 -26.29 4.22
CA HIS A 34 0.24 -25.70 3.39
C HIS A 34 -0.33 -24.41 4.02
N GLN A 35 0.26 -23.88 5.09
CA GLN A 35 -0.13 -22.57 5.70
C GLN A 35 0.66 -21.44 5.03
N LEU A 36 0.20 -20.20 5.20
CA LEU A 36 0.69 -19.00 4.47
C LEU A 36 1.53 -18.07 5.39
N PHE A 37 1.52 -18.30 6.71
CA PHE A 37 2.30 -17.49 7.68
C PHE A 37 2.90 -18.38 8.77
N CYS A 38 4.18 -18.23 9.05
CA CYS A 38 4.80 -18.78 10.27
CA CYS A 38 4.89 -18.89 10.17
C CYS A 38 6.09 -18.04 10.61
N MET A 39 6.40 -18.00 11.90
CA MET A 39 7.66 -17.43 12.47
C MET A 39 8.56 -18.63 12.82
N VAL A 40 9.75 -18.72 12.24
CA VAL A 40 10.64 -19.91 12.44
C VAL A 40 11.85 -19.49 13.24
N GLN A 41 12.01 -20.03 14.45
CA GLN A 41 13.22 -19.75 15.26
C GLN A 41 14.46 -20.31 14.56
N LEU A 42 15.49 -19.48 14.37
CA LEU A 42 16.76 -19.95 13.76
C LEU A 42 17.58 -20.74 14.77
N GLU A 43 18.28 -21.77 14.29
CA GLU A 43 19.22 -22.60 15.09
C GLU A 43 20.53 -21.83 15.27
N PRO A 44 20.96 -21.53 16.51
CA PRO A 44 22.26 -20.90 16.75
C PRO A 44 23.43 -21.68 16.12
N GLY A 45 24.43 -20.96 15.60
CA GLY A 45 25.70 -21.52 15.12
C GLY A 45 25.65 -22.00 13.68
N GLN A 46 24.47 -21.98 13.03
CA GLN A 46 24.32 -22.37 11.61
C GLN A 46 24.40 -21.11 10.75
N SER A 47 24.64 -21.29 9.45
CA SER A 47 25.03 -20.24 8.47
C SER A 47 24.09 -19.03 8.54
N GLU A 48 22.79 -19.27 8.48
CA GLU A 48 21.77 -18.18 8.39
C GLU A 48 21.79 -17.36 9.69
N TYR A 49 21.75 -18.03 10.84
CA TYR A 49 21.82 -17.35 12.16
C TYR A 49 23.11 -16.53 12.22
N ASN A 50 24.25 -17.10 11.81
CA ASN A 50 25.57 -16.43 11.91
C ASN A 50 25.56 -15.18 11.02
N THR A 51 25.03 -15.27 9.81
CA THR A 51 24.98 -14.14 8.86
C THR A 51 24.21 -12.96 9.49
N ILE A 52 23.03 -13.22 10.08
CA ILE A 52 22.11 -12.17 10.62
C ILE A 52 22.68 -11.62 11.93
N LYS A 53 23.24 -12.46 12.78
CA LYS A 53 23.89 -12.04 14.05
C LYS A 53 25.04 -11.06 13.74
N ASP A 54 25.89 -11.37 12.76
CA ASP A 54 27.05 -10.51 12.40
C ASP A 54 26.59 -9.14 11.89
N LYS A 55 25.51 -9.07 11.11
CA LYS A 55 24.95 -7.76 10.66
C LYS A 55 24.62 -6.89 11.87
N PHE A 56 23.98 -7.47 12.88
CA PHE A 56 23.55 -6.80 14.13
C PHE A 56 24.80 -6.41 14.95
N THR A 57 25.73 -7.36 15.18
CA THR A 57 26.88 -7.17 16.09
C THR A 57 27.94 -6.22 15.48
N ARG A 58 27.90 -5.95 14.17
CA ARG A 58 28.72 -4.89 13.53
C ARG A 58 28.69 -3.63 14.40
N THR A 59 27.54 -3.26 14.96
CA THR A 59 27.36 -1.99 15.73
C THR A 59 26.81 -2.23 17.15
N CYS A 60 26.33 -3.44 17.50
CA CYS A 60 25.54 -3.75 18.72
C CYS A 60 26.15 -4.95 19.47
N SER A 61 27.47 -5.07 19.53
CA SER A 61 28.16 -6.25 20.13
C SER A 61 28.05 -6.23 21.66
N SER A 62 27.59 -5.12 22.26
CA SER A 62 27.41 -5.00 23.73
C SER A 62 26.04 -5.52 24.17
N TYR A 63 25.15 -5.85 23.23
CA TYR A 63 23.77 -6.34 23.48
C TYR A 63 23.81 -7.89 23.51
N ALA A 64 22.90 -8.52 24.23
CA ALA A 64 22.73 -9.99 24.32
C ALA A 64 21.55 -10.44 23.45
N ILE A 65 21.78 -11.34 22.49
CA ILE A 65 20.76 -11.88 21.56
C ILE A 65 20.08 -13.08 22.21
N GLU A 66 18.78 -12.98 22.47
CA GLU A 66 17.95 -14.09 23.02
C GLU A 66 17.57 -15.04 21.88
N LYS A 67 17.05 -14.53 20.76
CA LYS A 67 16.69 -15.39 19.60
C LYS A 67 16.53 -14.56 18.34
N ILE A 68 16.69 -15.22 17.19
CA ILE A 68 16.39 -14.65 15.85
C ILE A 68 15.34 -15.56 15.22
N GLU A 69 14.27 -14.97 14.69
CA GLU A 69 13.16 -15.67 14.01
C GLU A 69 13.15 -15.22 12.55
N ARG A 70 12.95 -16.17 11.63
CA ARG A 70 12.70 -15.93 10.18
C ARG A 70 11.20 -15.70 9.99
N ILE A 71 10.82 -14.58 9.38
CA ILE A 71 9.39 -14.27 9.13
C ILE A 71 9.01 -14.87 7.76
N GLN A 72 8.11 -15.85 7.76
CA GLN A 72 7.64 -16.50 6.51
C GLN A 72 6.18 -16.11 6.30
N ASN A 73 5.96 -15.03 5.54
CA ASN A 73 4.62 -14.46 5.25
C ASN A 73 4.46 -14.44 3.74
N ALA A 74 3.85 -15.49 3.18
CA ALA A 74 3.70 -15.73 1.73
C ALA A 74 3.09 -14.50 1.04
N PHE A 75 2.02 -13.93 1.59
CA PHE A 75 1.27 -12.80 0.96
C PHE A 75 2.15 -11.55 0.91
N LEU A 76 2.80 -11.19 2.02
CA LEU A 76 3.67 -9.99 2.09
C LEU A 76 4.83 -10.17 1.10
N TRP A 77 5.41 -11.38 1.06
CA TRP A 77 6.54 -11.70 0.15
C TRP A 77 6.08 -11.52 -1.31
N GLN A 78 4.92 -12.07 -1.68
CA GLN A 78 4.39 -11.99 -3.08
CA GLN A 78 4.45 -11.98 -3.10
C GLN A 78 4.28 -10.51 -3.50
N SER A 79 3.57 -9.71 -2.69
CA SER A 79 3.32 -8.27 -2.97
C SER A 79 4.65 -7.52 -3.06
N TYR A 80 5.57 -7.84 -2.15
CA TYR A 80 6.92 -7.23 -2.16
C TYR A 80 7.67 -7.58 -3.46
N GLN A 81 7.63 -8.85 -3.89
CA GLN A 81 8.38 -9.34 -5.07
C GLN A 81 7.86 -8.66 -6.36
N VAL A 82 6.55 -8.45 -6.45
CA VAL A 82 5.92 -7.71 -7.57
C VAL A 82 6.48 -6.29 -7.60
N LYS A 83 6.51 -5.58 -6.46
CA LYS A 83 7.02 -4.18 -6.44
CA LYS A 83 7.03 -4.19 -6.42
C LYS A 83 8.50 -4.22 -6.83
N LYS A 84 9.26 -5.23 -6.40
CA LYS A 84 10.71 -5.31 -6.74
C LYS A 84 10.87 -5.50 -8.26
N ARG A 85 10.11 -6.40 -8.88
CA ARG A 85 10.16 -6.61 -10.35
C ARG A 85 9.80 -5.31 -11.09
N GLN A 86 8.78 -4.58 -10.63
CA GLN A 86 8.36 -3.29 -11.24
C GLN A 86 9.48 -2.24 -11.12
N MET A 87 10.14 -2.12 -9.95
CA MET A 87 11.22 -1.11 -9.73
C MET A 87 12.44 -1.45 -10.58
N ASP A 88 12.76 -2.74 -10.74
CA ASP A 88 13.90 -3.23 -11.56
C ASP A 88 13.66 -2.82 -13.03
N ILE A 89 12.40 -2.88 -13.51
CA ILE A 89 12.01 -2.47 -14.89
C ILE A 89 12.08 -0.94 -15.02
N LYS A 90 11.53 -0.21 -14.05
CA LYS A 90 11.40 1.26 -14.12
C LYS A 90 12.79 1.90 -14.07
N ASN A 91 13.69 1.39 -13.23
CA ASN A 91 15.04 1.97 -12.99
C ASN A 91 16.06 1.42 -13.99
N ASP A 92 15.76 0.28 -14.63
CA ASP A 92 16.57 -0.31 -15.74
C ASP A 92 17.90 -0.82 -15.16
N HIS A 93 17.85 -1.43 -13.99
CA HIS A 93 18.99 -2.09 -13.29
C HIS A 93 18.44 -2.78 -12.03
N LYS A 94 19.20 -3.72 -11.47
CA LYS A 94 18.98 -4.28 -10.11
C LYS A 94 19.50 -3.25 -9.11
N ASN A 95 20.05 -3.67 -7.96
CA ASN A 95 20.68 -2.73 -6.98
C ASN A 95 19.61 -1.76 -6.43
N ASN A 96 18.34 -2.19 -6.35
CA ASN A 96 17.23 -1.38 -5.80
C ASN A 96 16.93 -1.75 -4.34
N GLU A 97 17.52 -2.82 -3.84
CA GLU A 97 17.21 -3.44 -2.53
C GLU A 97 18.36 -3.18 -1.55
N ARG A 98 18.05 -2.82 -0.30
CA ARG A 98 19.02 -2.70 0.83
C ARG A 98 18.50 -3.48 2.03
N LEU A 99 19.39 -3.99 2.86
CA LEU A 99 19.03 -4.67 4.13
C LEU A 99 19.21 -3.66 5.27
N LEU A 100 18.13 -3.33 5.95
CA LEU A 100 18.06 -2.20 6.93
C LEU A 100 17.41 -2.72 8.21
N PHE A 101 17.44 -1.91 9.26
CA PHE A 101 16.94 -2.27 10.60
C PHE A 101 15.76 -1.37 10.95
N HIS A 102 14.83 -1.93 11.71
CA HIS A 102 13.66 -1.21 12.25
C HIS A 102 13.41 -1.69 13.67
N GLY A 103 13.62 -0.81 14.65
CA GLY A 103 13.25 -1.08 16.06
C GLY A 103 11.79 -0.76 16.29
N THR A 104 11.08 -1.55 17.09
CA THR A 104 9.68 -1.25 17.43
C THR A 104 9.30 -1.79 18.82
N ASP A 105 8.12 -1.40 19.29
CA ASP A 105 7.56 -1.82 20.60
C ASP A 105 6.98 -3.22 20.43
N ALA A 106 6.92 -3.98 21.53
CA ALA A 106 6.41 -5.36 21.59
C ALA A 106 4.97 -5.40 21.07
N ASP A 107 4.17 -4.37 21.35
CA ASP A 107 2.72 -4.36 21.00
C ASP A 107 2.54 -4.30 19.47
N SER A 108 3.52 -3.78 18.71
CA SER A 108 3.40 -3.63 17.23
C SER A 108 3.91 -4.88 16.51
N VAL A 109 4.60 -5.78 17.21
CA VAL A 109 5.30 -6.94 16.57
C VAL A 109 4.29 -7.84 15.86
N PRO A 110 3.13 -8.26 16.45
CA PRO A 110 2.19 -9.13 15.73
C PRO A 110 1.62 -8.50 14.45
N TYR A 111 1.32 -7.21 14.50
CA TYR A 111 0.86 -6.47 13.31
C TYR A 111 1.93 -6.51 12.20
N VAL A 112 3.19 -6.18 12.50
CA VAL A 112 4.29 -6.14 11.47
C VAL A 112 4.52 -7.54 10.90
N ASN A 113 4.52 -8.58 11.74
CA ASN A 113 4.67 -9.99 11.27
C ASN A 113 3.59 -10.33 10.24
N GLN A 114 2.34 -9.91 10.48
CA GLN A 114 1.15 -10.31 9.69
C GLN A 114 0.96 -9.34 8.51
N HIS A 115 1.16 -8.04 8.71
CA HIS A 115 0.72 -6.99 7.74
C HIS A 115 1.87 -6.14 7.21
N GLY A 116 3.08 -6.26 7.79
CA GLY A 116 4.22 -5.44 7.37
C GLY A 116 4.12 -4.03 7.94
N PHE A 117 4.79 -3.08 7.29
CA PHE A 117 5.01 -1.70 7.81
C PHE A 117 3.96 -0.77 7.20
N ASN A 118 3.39 0.09 8.04
CA ASN A 118 2.21 0.93 7.72
C ASN A 118 2.50 2.38 8.14
N ARG A 119 2.60 3.29 7.16
CA ARG A 119 2.87 4.73 7.41
C ARG A 119 1.76 5.36 8.25
N SER A 120 0.55 4.78 8.30
CA SER A 120 -0.63 5.40 8.96
C SER A 120 -0.58 5.21 10.48
N CYS A 121 0.37 4.43 11.01
CA CYS A 121 0.44 4.07 12.45
C CYS A 121 1.35 5.06 13.19
N ALA A 126 8.84 10.93 15.67
CA ALA A 126 9.45 12.04 14.89
C ALA A 126 9.52 11.66 13.41
N VAL A 127 8.96 12.52 12.55
CA VAL A 127 8.77 12.29 11.09
C VAL A 127 9.40 13.46 10.32
N SER A 128 10.64 13.83 10.68
CA SER A 128 11.33 15.04 10.20
C SER A 128 11.92 14.86 8.78
N TYR A 129 11.88 13.64 8.21
CA TYR A 129 12.26 13.41 6.79
C TYR A 129 11.05 12.94 5.98
N GLY A 130 9.84 13.04 6.55
CA GLY A 130 8.58 12.72 5.85
C GLY A 130 7.71 11.73 6.61
N LYS A 131 6.43 11.63 6.23
CA LYS A 131 5.43 10.73 6.87
C LYS A 131 5.44 9.39 6.14
N GLY A 132 6.48 8.60 6.39
CA GLY A 132 6.65 7.22 5.89
C GLY A 132 7.14 6.32 7.00
N THR A 133 7.62 5.13 6.64
CA THR A 133 8.28 4.19 7.57
C THR A 133 9.80 4.42 7.53
N TYR A 134 10.42 4.44 8.70
CA TYR A 134 11.85 4.75 8.91
C TYR A 134 12.65 3.45 9.08
N PHE A 135 13.81 3.36 8.43
CA PHE A 135 14.79 2.24 8.50
C PHE A 135 16.22 2.77 8.63
N ALA A 136 17.02 2.14 9.49
CA ALA A 136 18.40 2.58 9.80
C ALA A 136 19.42 1.68 9.11
N VAL A 137 20.52 2.27 8.65
CA VAL A 137 21.68 1.52 8.09
C VAL A 137 22.33 0.71 9.23
N ASP A 138 22.44 1.27 10.43
CA ASP A 138 23.12 0.65 11.61
C ASP A 138 22.12 0.14 12.66
N ALA A 139 22.36 -1.07 13.19
CA ALA A 139 21.53 -1.66 14.26
C ALA A 139 21.55 -0.74 15.48
N SER A 140 22.70 -0.10 15.75
CA SER A 140 22.90 0.78 16.93
C SER A 140 21.84 1.90 16.97
N TYR A 141 21.41 2.42 15.82
CA TYR A 141 20.38 3.49 15.78
C TYR A 141 19.00 2.93 16.17
N SER A 142 18.61 1.78 15.60
CA SER A 142 17.31 1.10 15.86
C SER A 142 17.26 0.57 17.30
N ALA A 143 18.42 0.30 17.91
CA ALA A 143 18.54 -0.22 19.29
C ALA A 143 18.28 0.87 20.33
N LYS A 144 18.14 2.15 19.95
CA LYS A 144 17.73 3.19 20.93
C LYS A 144 16.37 2.83 21.55
N ASP A 145 16.23 3.08 22.85
CA ASP A 145 15.00 2.78 23.64
C ASP A 145 13.80 3.52 23.05
N THR A 146 14.00 4.64 22.36
CA THR A 146 12.89 5.43 21.76
C THR A 146 12.20 4.61 20.63
N TYR A 147 12.90 3.69 19.98
CA TYR A 147 12.36 2.87 18.85
C TYR A 147 12.09 1.44 19.32
N SER A 148 13.14 0.73 19.75
CA SER A 148 13.01 -0.64 20.31
C SER A 148 12.77 -0.56 21.82
N LYS A 149 11.56 -0.10 22.21
CA LYS A 149 11.13 0.12 23.62
C LYS A 149 11.29 -1.17 24.41
N PRO A 150 12.05 -1.18 25.52
CA PRO A 150 12.16 -2.36 26.37
C PRO A 150 10.77 -2.71 26.91
N ASP A 151 10.34 -3.98 26.83
CA ASP A 151 9.08 -4.44 27.46
C ASP A 151 9.35 -4.61 28.96
N SER A 152 8.38 -5.12 29.73
CA SER A 152 8.46 -5.24 31.22
C SER A 152 9.65 -6.12 31.64
N ASN A 153 10.07 -7.05 30.77
CA ASN A 153 11.14 -8.05 31.05
C ASN A 153 12.51 -7.57 30.52
N GLY A 154 12.59 -6.34 29.98
CA GLY A 154 13.85 -5.75 29.44
C GLY A 154 14.12 -6.14 28.00
N ARG A 155 13.26 -6.96 27.39
CA ARG A 155 13.43 -7.44 26.00
C ARG A 155 13.14 -6.30 25.00
N LYS A 156 14.05 -6.12 24.06
CA LYS A 156 13.97 -5.16 22.93
C LYS A 156 13.73 -5.97 21.64
N HIS A 157 13.07 -5.37 20.64
CA HIS A 157 12.70 -6.04 19.37
C HIS A 157 13.14 -5.21 18.18
N MET A 158 13.83 -5.84 17.23
CA MET A 158 14.33 -5.20 16.00
C MET A 158 14.17 -6.13 14.80
N TYR A 159 13.57 -5.63 13.71
CA TYR A 159 13.47 -6.33 12.41
C TYR A 159 14.72 -6.06 11.57
N VAL A 160 15.14 -7.09 10.82
CA VAL A 160 16.04 -6.95 9.65
C VAL A 160 15.13 -6.99 8.43
N VAL A 161 15.19 -5.96 7.58
CA VAL A 161 14.11 -5.66 6.60
C VAL A 161 14.74 -5.55 5.21
N ARG A 162 14.17 -6.21 4.21
CA ARG A 162 14.57 -5.93 2.81
C ARG A 162 13.79 -4.69 2.36
N VAL A 163 14.48 -3.61 1.97
CA VAL A 163 13.83 -2.33 1.63
C VAL A 163 14.14 -1.95 0.17
N LEU A 164 13.12 -1.64 -0.62
CA LEU A 164 13.30 -1.15 -2.01
C LEU A 164 13.59 0.36 -1.96
N THR A 165 14.84 0.72 -1.68
CA THR A 165 15.32 2.11 -1.58
C THR A 165 15.45 2.74 -2.97
N GLY A 166 15.71 1.95 -4.01
CA GLY A 166 15.76 2.39 -5.41
C GLY A 166 16.60 3.64 -5.57
N VAL A 167 16.14 4.59 -6.38
CA VAL A 167 16.81 5.91 -6.54
C VAL A 167 16.25 6.82 -5.44
N PHE A 168 17.11 7.51 -4.69
CA PHE A 168 16.72 8.29 -3.49
C PHE A 168 17.28 9.72 -3.56
N THR A 169 16.61 10.60 -2.80
CA THR A 169 16.97 12.03 -2.62
C THR A 169 16.85 12.39 -1.14
N LYS A 170 17.33 13.57 -0.76
CA LYS A 170 17.21 14.06 0.63
C LYS A 170 15.74 14.35 0.94
N GLY A 171 15.28 13.91 2.10
CA GLY A 171 13.91 14.13 2.58
C GLY A 171 13.78 15.46 3.32
N ARG A 172 12.56 15.72 3.80
CA ARG A 172 12.22 16.94 4.58
C ARG A 172 10.86 16.73 5.26
N ALA A 173 10.57 17.51 6.29
CA ALA A 173 9.31 17.44 7.06
C ALA A 173 8.11 17.61 6.12
N GLY A 174 7.07 16.81 6.33
CA GLY A 174 5.74 17.00 5.71
C GLY A 174 5.56 16.23 4.41
N LEU A 175 6.59 15.59 3.85
CA LEU A 175 6.42 14.78 2.62
C LEU A 175 5.38 13.67 2.90
N VAL A 176 4.49 13.40 1.94
CA VAL A 176 3.55 12.23 2.02
C VAL A 176 3.92 11.21 0.93
N THR A 177 4.70 11.63 -0.07
CA THR A 177 5.35 10.73 -1.06
C THR A 177 6.75 11.26 -1.30
N PRO A 178 7.66 10.50 -1.94
CA PRO A 178 8.95 11.07 -2.32
C PRO A 178 8.77 12.18 -3.34
N PRO A 179 9.71 13.15 -3.41
CA PRO A 179 9.61 14.22 -4.40
C PRO A 179 9.78 13.70 -5.83
N PRO A 180 9.36 14.48 -6.86
CA PRO A 180 9.60 14.11 -8.25
C PRO A 180 11.08 14.24 -8.63
N LYS A 181 11.56 13.43 -9.57
CA LYS A 181 12.96 13.50 -10.08
C LYS A 181 13.14 14.81 -10.85
N ASN A 182 12.15 15.18 -11.67
CA ASN A 182 12.12 16.48 -12.40
C ASN A 182 10.75 17.12 -12.18
N PRO A 183 10.65 18.34 -11.60
CA PRO A 183 9.35 19.00 -11.47
C PRO A 183 8.72 19.47 -12.79
N HIS A 184 9.30 19.11 -13.95
CA HIS A 184 8.65 19.19 -15.29
C HIS A 184 7.86 17.91 -15.58
N ASN A 185 8.01 16.87 -14.75
CA ASN A 185 7.24 15.59 -14.80
C ASN A 185 6.90 15.18 -13.36
N PRO A 186 5.86 15.79 -12.74
CA PRO A 186 5.62 15.64 -11.30
C PRO A 186 5.06 14.30 -10.82
N THR A 187 4.87 13.30 -11.70
CA THR A 187 4.38 11.94 -11.31
C THR A 187 5.46 10.87 -11.42
N ASP A 188 6.66 11.19 -11.95
CA ASP A 188 7.82 10.26 -11.93
C ASP A 188 8.64 10.53 -10.67
N LEU A 189 8.46 9.72 -9.63
CA LEU A 189 8.95 10.01 -8.25
C LEU A 189 10.28 9.29 -7.99
N PHE A 190 11.11 9.84 -7.10
CA PHE A 190 12.15 9.09 -6.35
C PHE A 190 11.46 7.94 -5.61
N ASP A 191 12.20 6.86 -5.33
CA ASP A 191 11.70 5.62 -4.69
C ASP A 191 11.67 5.76 -3.17
N SER A 192 12.61 6.50 -2.62
CA SER A 192 12.75 6.72 -1.15
C SER A 192 13.42 8.07 -0.90
N VAL A 193 13.49 8.48 0.37
CA VAL A 193 14.32 9.67 0.77
C VAL A 193 15.26 9.24 1.89
N THR A 194 16.31 10.05 2.11
CA THR A 194 17.35 9.78 3.12
C THR A 194 17.68 11.07 3.86
N ASN A 195 18.45 10.97 4.94
CA ASN A 195 18.99 12.13 5.71
C ASN A 195 20.15 12.79 4.94
N ASN A 196 20.91 12.01 4.16
CA ASN A 196 22.18 12.47 3.52
C ASN A 196 22.47 11.54 2.34
N THR A 197 22.45 12.05 1.10
CA THR A 197 22.54 11.23 -0.14
C THR A 197 23.95 10.68 -0.35
N ARG A 198 24.99 11.36 0.14
CA ARG A 198 26.41 10.94 -0.07
C ARG A 198 26.78 9.84 0.94
N SER A 199 26.23 9.90 2.15
CA SER A 199 26.55 8.95 3.24
C SER A 199 25.28 8.65 4.04
N PRO A 200 24.31 7.92 3.45
CA PRO A 200 23.00 7.75 4.09
C PRO A 200 23.09 6.92 5.38
N LYS A 201 22.33 7.27 6.41
CA LYS A 201 22.27 6.47 7.66
C LYS A 201 20.83 6.05 7.93
N LEU A 202 19.85 6.61 7.23
CA LEU A 202 18.44 6.17 7.35
C LEU A 202 17.72 6.37 6.02
N PHE A 203 16.67 5.58 5.80
CA PHE A 203 15.79 5.65 4.60
C PHE A 203 14.33 5.67 5.03
N VAL A 204 13.53 6.39 4.28
CA VAL A 204 12.07 6.51 4.51
C VAL A 204 11.32 6.04 3.25
N VAL A 205 10.36 5.11 3.39
CA VAL A 205 9.48 4.70 2.26
C VAL A 205 8.02 5.02 2.59
N PHE A 206 7.22 5.28 1.56
CA PHE A 206 5.88 5.91 1.66
C PHE A 206 4.78 5.02 1.06
N PHE A 207 5.11 3.79 0.65
CA PHE A 207 4.13 2.87 0.03
C PHE A 207 4.19 1.49 0.70
N ASP A 208 3.02 0.87 0.80
CA ASP A 208 2.82 -0.50 1.33
C ASP A 208 3.63 -1.45 0.45
N ASN A 209 4.28 -2.43 1.06
CA ASN A 209 4.93 -3.54 0.32
C ASN A 209 6.16 -3.01 -0.43
N GLN A 210 6.79 -1.93 0.06
CA GLN A 210 8.16 -1.51 -0.37
C GLN A 210 9.19 -2.05 0.63
N ALA A 211 8.75 -2.75 1.68
CA ALA A 211 9.63 -3.32 2.72
C ALA A 211 9.09 -4.68 3.15
N TYR A 212 9.96 -5.69 3.23
CA TYR A 212 9.62 -7.06 3.70
C TYR A 212 10.35 -7.33 5.01
N PRO A 213 9.62 -7.55 6.13
CA PRO A 213 10.25 -7.87 7.41
C PRO A 213 10.74 -9.32 7.32
N GLU A 214 12.06 -9.52 7.31
CA GLU A 214 12.66 -10.84 6.98
C GLU A 214 13.02 -11.59 8.26
N TYR A 215 13.65 -10.91 9.23
CA TYR A 215 14.05 -11.51 10.53
C TYR A 215 13.61 -10.62 11.69
N LEU A 216 13.20 -11.21 12.82
CA LEU A 216 12.92 -10.51 14.11
C LEU A 216 14.00 -10.93 15.11
N ILE A 217 14.78 -9.96 15.59
CA ILE A 217 15.82 -10.16 16.64
C ILE A 217 15.24 -9.74 17.99
N THR A 218 15.20 -10.65 18.95
CA THR A 218 14.85 -10.37 20.36
C THR A 218 16.16 -10.29 21.16
N PHE A 219 16.40 -9.18 21.88
CA PHE A 219 17.69 -8.91 22.55
C PHE A 219 17.46 -8.03 23.78
N THR A 220 18.53 -7.86 24.58
CA THR A 220 18.55 -7.08 25.85
C THR A 220 19.83 -6.23 25.90
N ALA A 221 19.78 -5.10 26.62
CA ALA A 221 20.94 -4.21 26.87
C ALA A 221 21.98 -4.95 27.71
N ASN B 24 -0.02 -11.18 -18.55
CA ASN B 24 -1.22 -11.28 -17.66
C ASN B 24 -2.19 -10.10 -17.85
N LEU B 25 -1.84 -9.08 -18.67
CA LEU B 25 -2.70 -7.89 -18.93
C LEU B 25 -3.94 -8.35 -19.68
N PRO B 26 -5.13 -7.76 -19.44
CA PRO B 26 -6.34 -8.21 -20.13
C PRO B 26 -6.24 -8.09 -21.66
N GLU B 27 -6.79 -9.07 -22.40
CA GLU B 27 -6.56 -9.19 -23.87
C GLU B 27 -7.41 -8.18 -24.64
N HIS B 28 -8.44 -7.58 -24.04
CA HIS B 28 -9.26 -6.50 -24.65
C HIS B 28 -8.52 -5.16 -24.61
N TRP B 29 -7.46 -5.00 -23.81
CA TRP B 29 -6.69 -3.73 -23.74
C TRP B 29 -6.05 -3.46 -25.11
N THR B 30 -5.89 -2.20 -25.49
CA THR B 30 -5.12 -1.85 -26.72
C THR B 30 -3.65 -2.21 -26.48
N ASP B 31 -2.93 -2.54 -27.55
CA ASP B 31 -1.46 -2.77 -27.57
C ASP B 31 -0.78 -1.49 -27.10
N MET B 32 0.17 -1.58 -26.18
CA MET B 32 0.85 -0.40 -25.59
C MET B 32 2.30 -0.28 -26.09
N ASN B 33 2.80 -1.23 -26.88
CA ASN B 33 4.13 -1.19 -27.53
C ASN B 33 5.23 -1.21 -26.45
N HIS B 34 5.05 -2.04 -25.42
CA HIS B 34 5.97 -2.15 -24.25
C HIS B 34 5.95 -0.86 -23.41
N GLN B 35 5.00 0.06 -23.65
CA GLN B 35 4.70 1.19 -22.71
C GLN B 35 3.93 0.62 -21.51
N LEU B 36 4.05 1.26 -20.35
CA LEU B 36 3.50 0.74 -19.07
C LEU B 36 2.13 1.38 -18.79
N PHE B 37 1.79 2.49 -19.47
CA PHE B 37 0.56 3.27 -19.17
C PHE B 37 -0.08 3.85 -20.43
N CYS B 38 -1.41 3.90 -20.47
CA CYS B 38 -2.19 4.40 -21.63
C CYS B 38 -3.62 4.75 -21.20
N MET B 39 -4.14 5.89 -21.66
CA MET B 39 -5.58 6.26 -21.51
C MET B 39 -6.24 6.04 -22.87
N VAL B 40 -7.36 5.29 -22.92
CA VAL B 40 -8.06 4.88 -24.17
C VAL B 40 -9.47 5.48 -24.16
N GLN B 41 -9.72 6.38 -25.11
CA GLN B 41 -11.04 7.00 -25.32
C GLN B 41 -12.01 5.95 -25.87
N LEU B 42 -13.18 5.79 -25.24
CA LEU B 42 -14.21 4.80 -25.66
C LEU B 42 -15.20 5.46 -26.63
N GLU B 43 -15.84 4.63 -27.45
CA GLU B 43 -16.83 5.07 -28.48
C GLU B 43 -18.25 4.80 -27.97
N PRO B 44 -19.12 5.84 -27.94
CA PRO B 44 -20.54 5.66 -27.63
C PRO B 44 -21.14 4.63 -28.60
N GLY B 45 -22.04 3.77 -28.10
CA GLY B 45 -22.61 2.66 -28.88
C GLY B 45 -21.83 1.36 -28.68
N GLN B 46 -20.57 1.41 -28.26
CA GLN B 46 -19.88 0.20 -27.74
C GLN B 46 -20.52 -0.17 -26.40
N SER B 47 -20.72 -1.46 -26.16
CA SER B 47 -21.30 -2.00 -24.90
C SER B 47 -20.50 -1.48 -23.69
N GLU B 48 -19.19 -1.36 -23.83
CA GLU B 48 -18.29 -0.90 -22.74
C GLU B 48 -18.67 0.54 -22.35
N TYR B 49 -18.80 1.44 -23.33
CA TYR B 49 -19.19 2.85 -23.07
C TYR B 49 -20.58 2.87 -22.44
N ASN B 50 -21.51 2.11 -23.04
CA ASN B 50 -22.95 2.20 -22.73
C ASN B 50 -23.19 1.70 -21.31
N THR B 51 -22.48 0.66 -20.85
CA THR B 51 -22.68 0.10 -19.49
C THR B 51 -22.25 1.15 -18.46
N ILE B 52 -21.17 1.89 -18.71
CA ILE B 52 -20.66 2.94 -17.77
C ILE B 52 -21.65 4.12 -17.80
N LYS B 53 -22.10 4.53 -18.98
CA LYS B 53 -23.06 5.64 -19.11
C LYS B 53 -24.34 5.32 -18.33
N ASP B 54 -24.85 4.09 -18.45
CA ASP B 54 -26.11 3.66 -17.77
C ASP B 54 -25.92 3.61 -16.25
N LYS B 55 -24.75 3.18 -15.80
CA LYS B 55 -24.40 3.11 -14.35
C LYS B 55 -24.38 4.54 -13.79
N PHE B 56 -23.85 5.50 -14.55
CA PHE B 56 -23.70 6.92 -14.12
C PHE B 56 -25.07 7.61 -14.13
N THR B 57 -25.84 7.48 -15.22
CA THR B 57 -27.12 8.19 -15.45
C THR B 57 -28.24 7.60 -14.56
N ARG B 58 -28.04 6.41 -14.00
CA ARG B 58 -29.00 5.85 -13.02
C ARG B 58 -29.28 6.91 -11.94
N THR B 59 -28.28 7.71 -11.53
CA THR B 59 -28.41 8.71 -10.43
C THR B 59 -27.92 10.12 -10.82
N CYS B 60 -27.32 10.32 -12.00
CA CYS B 60 -26.82 11.65 -12.47
C CYS B 60 -27.42 12.03 -13.84
N SER B 61 -28.72 11.80 -14.04
CA SER B 61 -29.41 12.07 -15.32
C SER B 61 -29.43 13.58 -15.66
N SER B 62 -29.06 14.46 -14.71
CA SER B 62 -29.05 15.93 -14.92
C SER B 62 -27.68 16.44 -15.44
N TYR B 63 -26.64 15.59 -15.44
CA TYR B 63 -25.29 15.92 -15.97
C TYR B 63 -25.15 15.31 -17.38
N ALA B 64 -24.19 15.79 -18.15
CA ALA B 64 -23.89 15.26 -19.51
C ALA B 64 -22.43 14.80 -19.56
N ILE B 65 -22.19 13.61 -20.11
CA ILE B 65 -20.81 13.05 -20.23
C ILE B 65 -20.11 13.66 -21.44
N GLU B 66 -18.91 14.20 -21.24
CA GLU B 66 -18.02 14.64 -22.35
C GLU B 66 -17.37 13.41 -22.98
N LYS B 67 -16.79 12.54 -22.15
CA LYS B 67 -16.03 11.36 -22.65
C LYS B 67 -15.77 10.38 -21.52
N ILE B 68 -15.48 9.13 -21.89
CA ILE B 68 -15.10 8.04 -20.94
C ILE B 68 -13.81 7.42 -21.46
N GLU B 69 -12.76 7.40 -20.63
CA GLU B 69 -11.44 6.84 -20.96
C GLU B 69 -11.18 5.58 -20.12
N ARG B 70 -10.79 4.49 -20.77
CA ARG B 70 -10.32 3.25 -20.10
C ARG B 70 -8.89 3.49 -19.62
N ILE B 71 -8.61 3.25 -18.34
CA ILE B 71 -7.25 3.40 -17.76
C ILE B 71 -6.51 2.06 -17.88
N GLN B 72 -5.40 2.05 -18.61
CA GLN B 72 -4.51 0.88 -18.82
C GLN B 72 -3.21 1.16 -18.08
N ASN B 73 -3.09 0.69 -16.83
CA ASN B 73 -1.88 0.91 -15.99
C ASN B 73 -1.36 -0.45 -15.54
N ALA B 74 -0.32 -0.95 -16.20
CA ALA B 74 0.17 -2.34 -16.05
C ALA B 74 0.54 -2.61 -14.58
N PHE B 75 1.31 -1.71 -13.98
CA PHE B 75 1.87 -1.89 -12.62
C PHE B 75 0.72 -1.89 -11.59
N LEU B 76 -0.21 -0.94 -11.68
CA LEU B 76 -1.38 -0.87 -10.74
C LEU B 76 -2.24 -2.12 -10.90
N TRP B 77 -2.42 -2.57 -12.14
CA TRP B 77 -3.25 -3.76 -12.44
C TRP B 77 -2.62 -4.98 -11.77
N GLN B 78 -1.31 -5.15 -11.94
CA GLN B 78 -0.56 -6.32 -11.40
C GLN B 78 -0.68 -6.37 -9.89
N SER B 79 -0.45 -5.25 -9.21
CA SER B 79 -0.47 -5.19 -7.73
C SER B 79 -1.89 -5.45 -7.24
N TYR B 80 -2.89 -4.85 -7.89
CA TYR B 80 -4.33 -5.03 -7.56
C TYR B 80 -4.71 -6.50 -7.73
N GLN B 81 -4.36 -7.13 -8.86
CA GLN B 81 -4.75 -8.54 -9.13
C GLN B 81 -4.08 -9.47 -8.12
N VAL B 82 -2.84 -9.19 -7.65
CA VAL B 82 -2.20 -10.00 -6.58
C VAL B 82 -3.06 -9.88 -5.30
N LYS B 83 -3.49 -8.68 -4.93
CA LYS B 83 -4.33 -8.45 -3.73
C LYS B 83 -5.66 -9.18 -3.86
N LYS B 84 -6.29 -9.16 -5.03
CA LYS B 84 -7.61 -9.81 -5.24
C LYS B 84 -7.50 -11.32 -5.01
N ARG B 85 -6.49 -11.93 -5.63
CA ARG B 85 -6.26 -13.39 -5.50
C ARG B 85 -6.01 -13.75 -4.04
N GLN B 86 -5.31 -12.91 -3.28
CA GLN B 86 -5.03 -13.13 -1.84
C GLN B 86 -6.37 -13.12 -1.07
N MET B 87 -7.25 -12.16 -1.38
CA MET B 87 -8.55 -11.99 -0.67
C MET B 87 -9.50 -13.14 -1.05
N ASP B 88 -9.51 -13.55 -2.32
CA ASP B 88 -10.26 -14.73 -2.83
C ASP B 88 -9.79 -15.98 -2.06
N ILE B 89 -8.48 -16.17 -1.85
CA ILE B 89 -7.95 -17.33 -1.08
C ILE B 89 -8.40 -17.19 0.38
N LYS B 90 -8.14 -16.05 1.02
CA LYS B 90 -8.39 -15.85 2.47
C LYS B 90 -9.89 -15.97 2.78
N ASN B 91 -10.77 -15.37 1.98
CA ASN B 91 -12.21 -15.25 2.32
C ASN B 91 -12.98 -16.49 1.84
N ASP B 92 -12.55 -17.15 0.76
CA ASP B 92 -13.12 -18.44 0.28
C ASP B 92 -14.64 -18.34 0.05
N HIS B 93 -15.06 -18.21 -1.21
CA HIS B 93 -16.48 -18.11 -1.67
C HIS B 93 -17.11 -16.83 -1.13
N LYS B 94 -16.54 -15.68 -1.50
CA LYS B 94 -17.12 -14.32 -1.32
C LYS B 94 -17.00 -13.59 -2.65
N ASN B 95 -17.96 -12.71 -2.94
CA ASN B 95 -17.83 -11.66 -3.97
C ASN B 95 -16.98 -10.55 -3.36
N ASN B 96 -15.67 -10.50 -3.61
CA ASN B 96 -14.80 -9.56 -2.86
C ASN B 96 -14.73 -8.20 -3.55
N GLU B 97 -15.19 -8.10 -4.81
CA GLU B 97 -14.98 -6.90 -5.65
C GLU B 97 -16.33 -6.25 -5.98
N ARG B 98 -16.45 -4.93 -5.82
CA ARG B 98 -17.59 -4.13 -6.32
C ARG B 98 -17.05 -3.07 -7.26
N LEU B 99 -17.89 -2.56 -8.14
CA LEU B 99 -17.57 -1.42 -9.03
C LEU B 99 -18.17 -0.15 -8.40
N LEU B 100 -17.33 0.80 -7.98
CA LEU B 100 -17.79 1.99 -7.20
C LEU B 100 -17.30 3.25 -7.89
N PHE B 101 -17.73 4.42 -7.41
CA PHE B 101 -17.38 5.74 -8.00
C PHE B 101 -16.49 6.52 -7.04
N HIS B 102 -15.64 7.40 -7.58
CA HIS B 102 -14.76 8.31 -6.81
C HIS B 102 -14.60 9.63 -7.54
N GLY B 103 -15.23 10.68 -7.04
CA GLY B 103 -15.09 12.04 -7.60
C GLY B 103 -13.76 12.61 -7.14
N THR B 104 -13.02 13.30 -8.00
CA THR B 104 -11.82 14.04 -7.57
C THR B 104 -11.64 15.34 -8.36
N ASP B 105 -10.71 16.16 -7.89
CA ASP B 105 -10.33 17.46 -8.50
C ASP B 105 -9.36 17.16 -9.65
N ALA B 106 -9.28 18.07 -10.62
CA ALA B 106 -8.46 17.93 -11.85
C ALA B 106 -6.98 17.82 -11.47
N ASP B 107 -6.56 18.50 -10.40
CA ASP B 107 -5.15 18.52 -9.92
C ASP B 107 -4.73 17.09 -9.54
N SER B 108 -5.66 16.23 -9.11
CA SER B 108 -5.38 14.85 -8.60
C SER B 108 -5.27 13.82 -9.73
N VAL B 109 -5.80 14.11 -10.91
CA VAL B 109 -6.05 13.09 -11.97
C VAL B 109 -4.72 12.52 -12.46
N PRO B 110 -3.67 13.31 -12.76
CA PRO B 110 -2.40 12.75 -13.23
C PRO B 110 -1.87 11.70 -12.24
N TYR B 111 -1.82 12.03 -10.94
CA TYR B 111 -1.30 11.16 -9.87
C TYR B 111 -2.15 9.89 -9.77
N VAL B 112 -3.49 9.99 -9.74
CA VAL B 112 -4.36 8.79 -9.61
C VAL B 112 -4.15 7.88 -10.82
N ASN B 113 -3.98 8.47 -12.00
CA ASN B 113 -3.88 7.71 -13.28
C ASN B 113 -2.62 6.84 -13.23
N GLN B 114 -1.51 7.37 -12.67
CA GLN B 114 -0.18 6.71 -12.60
C GLN B 114 -0.06 5.84 -11.35
N HIS B 115 -0.51 6.32 -10.17
CA HIS B 115 -0.13 5.74 -8.86
C HIS B 115 -1.33 5.22 -8.06
N GLY B 116 -2.54 5.54 -8.49
CA GLY B 116 -3.78 5.08 -7.82
C GLY B 116 -4.15 5.96 -6.64
N PHE B 117 -4.85 5.38 -5.67
CA PHE B 117 -5.53 6.08 -4.55
C PHE B 117 -4.65 5.99 -3.29
N ASN B 118 -4.18 7.15 -2.83
CA ASN B 118 -3.27 7.28 -1.67
C ASN B 118 -4.05 7.85 -0.48
N ARG B 119 -4.31 7.00 0.53
CA ARG B 119 -5.00 7.41 1.78
C ARG B 119 -4.32 8.63 2.42
N SER B 120 -3.00 8.78 2.26
CA SER B 120 -2.20 9.88 2.87
C SER B 120 -2.59 11.25 2.27
N CYS B 121 -3.33 11.24 1.15
CA CYS B 121 -3.76 12.45 0.40
C CYS B 121 -5.27 12.70 0.56
N ALA B 122 -6.00 11.77 1.19
CA ALA B 122 -7.49 11.75 1.27
C ALA B 122 -7.98 12.93 2.11
N GLY B 123 -9.08 13.56 1.69
CA GLY B 123 -9.81 14.57 2.49
C GLY B 123 -10.50 13.92 3.68
N LYS B 124 -10.71 14.68 4.77
CA LYS B 124 -11.63 14.27 5.85
C LYS B 124 -13.05 14.34 5.26
N ASN B 125 -13.81 13.24 5.34
CA ASN B 125 -15.17 13.18 4.76
C ASN B 125 -16.12 13.92 5.71
N ALA B 126 -17.23 14.46 5.19
CA ALA B 126 -18.26 15.21 5.96
C ALA B 126 -18.97 14.29 6.97
N VAL B 127 -19.16 13.01 6.65
CA VAL B 127 -19.45 11.95 7.66
C VAL B 127 -18.30 10.93 7.61
N SER B 128 -17.44 10.92 8.62
CA SER B 128 -16.21 10.10 8.61
C SER B 128 -16.45 8.74 9.27
N TYR B 129 -16.15 7.68 8.53
CA TYR B 129 -16.19 6.27 8.96
C TYR B 129 -14.77 5.71 9.01
N GLY B 130 -13.76 6.57 9.04
CA GLY B 130 -12.34 6.20 9.16
C GLY B 130 -11.45 7.02 8.23
N LYS B 131 -10.14 7.01 8.50
CA LYS B 131 -9.12 7.75 7.72
C LYS B 131 -8.63 6.88 6.57
N GLY B 132 -9.36 6.86 5.46
CA GLY B 132 -8.96 6.09 4.26
C GLY B 132 -9.54 6.72 3.01
N THR B 133 -9.48 5.99 1.89
CA THR B 133 -10.05 6.44 0.61
C THR B 133 -11.49 6.00 0.55
N TYR B 134 -12.36 6.93 0.17
CA TYR B 134 -13.84 6.79 0.15
C TYR B 134 -14.29 6.50 -1.27
N PHE B 135 -15.19 5.52 -1.42
CA PHE B 135 -15.80 5.13 -2.72
C PHE B 135 -17.31 5.03 -2.54
N ALA B 136 -18.09 5.51 -3.51
CA ALA B 136 -19.56 5.63 -3.46
C ALA B 136 -20.21 4.55 -4.34
N VAL B 137 -21.33 4.03 -3.86
CA VAL B 137 -22.23 3.10 -4.62
C VAL B 137 -22.92 3.88 -5.75
N ASP B 138 -23.33 5.12 -5.48
CA ASP B 138 -24.10 5.96 -6.45
C ASP B 138 -23.22 7.09 -7.00
N ALA B 139 -23.21 7.28 -8.32
CA ALA B 139 -22.55 8.41 -9.00
C ALA B 139 -22.98 9.76 -8.40
N SER B 140 -24.25 9.91 -8.00
CA SER B 140 -24.82 11.18 -7.45
C SER B 140 -24.00 11.67 -6.25
N TYR B 141 -23.55 10.76 -5.40
CA TYR B 141 -22.71 11.11 -4.23
C TYR B 141 -21.39 11.73 -4.72
N SER B 142 -20.68 11.05 -5.63
CA SER B 142 -19.39 11.48 -6.20
C SER B 142 -19.58 12.74 -7.06
N ALA B 143 -20.78 12.98 -7.61
CA ALA B 143 -21.03 14.14 -8.50
C ALA B 143 -21.08 15.45 -7.70
N LYS B 144 -21.14 15.41 -6.37
CA LYS B 144 -21.19 16.66 -5.57
C LYS B 144 -19.93 17.48 -5.83
N ASP B 145 -20.06 18.81 -5.90
CA ASP B 145 -18.93 19.73 -6.19
C ASP B 145 -17.82 19.54 -5.15
N THR B 146 -18.15 18.99 -3.98
CA THR B 146 -17.18 18.82 -2.86
C THR B 146 -16.14 17.75 -3.23
N TYR B 147 -16.49 16.76 -4.07
CA TYR B 147 -15.59 15.64 -4.50
C TYR B 147 -15.12 15.87 -5.94
N SER B 148 -16.05 16.02 -6.88
CA SER B 148 -15.78 16.24 -8.33
C SER B 148 -15.82 17.75 -8.62
N LYS B 149 -14.86 18.47 -8.07
CA LYS B 149 -14.75 19.94 -8.16
C LYS B 149 -14.61 20.35 -9.62
N PRO B 150 -15.47 21.27 -10.14
CA PRO B 150 -15.36 21.73 -11.52
C PRO B 150 -14.00 22.39 -11.74
N ASP B 151 -13.31 22.05 -12.82
CA ASP B 151 -12.03 22.74 -13.17
C ASP B 151 -12.37 24.12 -13.75
N SER B 152 -11.37 24.85 -14.23
CA SER B 152 -11.53 26.26 -14.71
C SER B 152 -12.32 26.31 -16.03
N ASN B 153 -12.48 25.19 -16.74
CA ASN B 153 -13.42 25.07 -17.90
C ASN B 153 -14.76 24.45 -17.51
N GLY B 154 -15.00 24.14 -16.24
CA GLY B 154 -16.31 23.61 -15.77
C GLY B 154 -16.49 22.12 -16.00
N ARG B 155 -15.39 21.40 -16.25
CA ARG B 155 -15.38 19.92 -16.33
C ARG B 155 -15.26 19.34 -14.93
N LYS B 156 -16.07 18.31 -14.66
CA LYS B 156 -16.01 17.47 -13.45
C LYS B 156 -15.43 16.09 -13.83
N HIS B 157 -14.73 15.45 -12.89
CA HIS B 157 -14.00 14.16 -13.09
C HIS B 157 -14.45 13.14 -12.04
N MET B 158 -14.79 11.94 -12.49
CA MET B 158 -15.20 10.81 -11.62
C MET B 158 -14.59 9.53 -12.18
N TYR B 159 -13.98 8.72 -11.32
CA TYR B 159 -13.42 7.39 -11.63
C TYR B 159 -14.49 6.35 -11.35
N VAL B 160 -14.49 5.32 -12.19
CA VAL B 160 -15.19 4.03 -11.95
C VAL B 160 -14.07 3.07 -11.57
N VAL B 161 -14.22 2.42 -10.42
CA VAL B 161 -13.08 1.82 -9.68
C VAL B 161 -13.46 0.40 -9.25
N ARG B 162 -12.60 -0.58 -9.53
CA ARG B 162 -12.78 -1.93 -8.95
C ARG B 162 -12.26 -1.86 -7.53
N VAL B 163 -13.09 -2.10 -6.53
CA VAL B 163 -12.66 -1.98 -5.10
C VAL B 163 -12.81 -3.34 -4.41
N LEU B 164 -11.77 -3.76 -3.69
CA LEU B 164 -11.80 -5.01 -2.90
C LEU B 164 -12.37 -4.74 -1.51
N THR B 165 -13.70 -4.74 -1.44
CA THR B 165 -14.51 -4.45 -0.22
C THR B 165 -14.51 -5.68 0.69
N GLY B 166 -14.49 -6.87 0.09
CA GLY B 166 -14.40 -8.15 0.83
C GLY B 166 -15.45 -8.25 1.92
N VAL B 167 -15.01 -8.58 3.14
CA VAL B 167 -15.91 -8.68 4.33
C VAL B 167 -15.79 -7.35 5.11
N PHE B 168 -16.91 -6.67 5.30
CA PHE B 168 -16.91 -5.28 5.79
C PHE B 168 -17.82 -5.14 6.99
N THR B 169 -17.59 -4.07 7.76
CA THR B 169 -18.40 -3.72 8.95
C THR B 169 -18.64 -2.21 8.93
N LYS B 170 -19.51 -1.73 9.81
CA LYS B 170 -19.75 -0.28 9.99
C LYS B 170 -18.47 0.34 10.56
N GLY B 171 -17.95 1.38 9.90
CA GLY B 171 -16.71 2.05 10.30
C GLY B 171 -16.91 3.03 11.46
N ARG B 172 -15.84 3.72 11.83
CA ARG B 172 -15.80 4.71 12.96
CA ARG B 172 -15.87 4.75 12.92
C ARG B 172 -14.70 5.73 12.64
N ALA B 173 -14.88 6.98 13.04
CA ALA B 173 -13.99 8.11 12.68
C ALA B 173 -12.52 7.85 13.07
N GLY B 174 -12.23 7.15 14.17
CA GLY B 174 -10.85 6.99 14.64
C GLY B 174 -9.99 6.04 13.79
N LEU B 175 -10.59 5.21 12.93
CA LEU B 175 -9.88 4.07 12.26
C LEU B 175 -8.73 4.60 11.36
N VAL B 176 -7.53 4.02 11.49
CA VAL B 176 -6.44 4.15 10.46
C VAL B 176 -6.22 2.82 9.70
N THR B 177 -6.82 1.73 10.18
CA THR B 177 -6.95 0.41 9.49
C THR B 177 -8.37 -0.09 9.71
N PRO B 178 -8.85 -1.12 8.98
CA PRO B 178 -10.16 -1.70 9.28
C PRO B 178 -10.06 -2.31 10.67
N PRO B 179 -11.19 -2.41 11.41
CA PRO B 179 -11.16 -2.96 12.76
C PRO B 179 -10.95 -4.47 12.70
N PRO B 180 -10.56 -5.11 13.82
CA PRO B 180 -10.49 -6.57 13.87
C PRO B 180 -11.89 -7.18 13.86
N LYS B 181 -12.00 -8.44 13.42
CA LYS B 181 -13.27 -9.22 13.44
C LYS B 181 -13.60 -9.62 14.88
N ASN B 182 -12.55 -9.78 15.67
CA ASN B 182 -12.56 -10.35 17.03
C ASN B 182 -11.61 -9.52 17.91
N PRO B 183 -12.09 -8.89 19.00
CA PRO B 183 -11.22 -8.09 19.87
C PRO B 183 -10.04 -8.88 20.46
N HIS B 184 -10.20 -10.18 20.67
CA HIS B 184 -9.15 -11.06 21.28
C HIS B 184 -8.15 -11.54 20.22
N ASN B 185 -8.33 -11.15 18.95
CA ASN B 185 -7.38 -11.47 17.84
C ASN B 185 -7.16 -10.21 17.00
N PRO B 186 -6.44 -9.21 17.54
CA PRO B 186 -6.46 -7.87 16.97
C PRO B 186 -5.91 -7.72 15.54
N THR B 187 -5.15 -8.70 15.02
CA THR B 187 -4.48 -8.61 13.69
C THR B 187 -5.30 -9.27 12.58
N ASP B 188 -6.45 -9.92 12.88
CA ASP B 188 -7.33 -10.52 11.83
C ASP B 188 -8.46 -9.52 11.50
N LEU B 189 -8.30 -8.78 10.39
CA LEU B 189 -9.03 -7.53 10.11
C LEU B 189 -10.16 -7.80 9.12
N PHE B 190 -11.23 -7.01 9.20
CA PHE B 190 -12.16 -6.79 8.07
C PHE B 190 -11.38 -6.18 6.90
N ASP B 191 -11.89 -6.31 5.68
CA ASP B 191 -11.22 -5.85 4.42
C ASP B 191 -11.48 -4.36 4.18
N SER B 192 -12.63 -3.85 4.60
CA SER B 192 -13.05 -2.44 4.43
C SER B 192 -14.13 -2.11 5.47
N VAL B 193 -14.59 -0.87 5.51
CA VAL B 193 -15.78 -0.50 6.32
C VAL B 193 -16.77 0.27 5.46
N THR B 194 -17.97 0.45 5.98
CA THR B 194 -19.10 1.09 5.28
C THR B 194 -19.83 2.00 6.27
N ASN B 195 -20.81 2.74 5.77
CA ASN B 195 -21.67 3.65 6.57
C ASN B 195 -22.80 2.85 7.21
N ASN B 196 -23.21 1.73 6.59
CA ASN B 196 -24.36 0.89 7.02
C ASN B 196 -24.26 -0.46 6.33
N THR B 197 -24.19 -1.57 7.09
CA THR B 197 -23.91 -2.93 6.52
C THR B 197 -25.13 -3.46 5.77
N ARG B 198 -26.34 -3.05 6.15
CA ARG B 198 -27.61 -3.53 5.52
C ARG B 198 -27.85 -2.77 4.21
N SER B 199 -27.65 -1.45 4.21
CA SER B 199 -27.83 -0.55 3.04
C SER B 199 -26.54 0.22 2.74
N PRO B 200 -25.48 -0.42 2.20
CA PRO B 200 -24.21 0.27 1.99
C PRO B 200 -24.34 1.38 0.93
N LYS B 201 -23.87 2.59 1.22
CA LYS B 201 -23.79 3.70 0.23
C LYS B 201 -22.33 4.14 0.03
N LEU B 202 -21.43 3.89 0.97
CA LEU B 202 -19.99 4.21 0.77
C LEU B 202 -19.13 3.09 1.36
N PHE B 203 -17.91 2.93 0.84
CA PHE B 203 -16.90 2.01 1.39
C PHE B 203 -15.60 2.79 1.60
N VAL B 204 -14.89 2.46 2.67
CA VAL B 204 -13.55 3.04 2.96
C VAL B 204 -12.53 1.91 2.92
N VAL B 205 -11.42 2.15 2.23
CA VAL B 205 -10.28 1.19 2.19
C VAL B 205 -9.01 1.89 2.69
N PHE B 206 -8.14 1.11 3.32
CA PHE B 206 -7.01 1.64 4.13
C PHE B 206 -5.67 1.13 3.62
N PHE B 207 -5.62 0.39 2.51
CA PHE B 207 -4.34 -0.17 1.96
C PHE B 207 -4.18 0.18 0.48
N ASP B 208 -2.91 0.33 0.06
CA ASP B 208 -2.53 0.58 -1.34
C ASP B 208 -2.93 -0.67 -2.15
N ASN B 209 -3.28 -0.49 -3.42
CA ASN B 209 -3.49 -1.63 -4.35
C ASN B 209 -4.75 -2.41 -3.92
N GLN B 210 -5.69 -1.79 -3.20
CA GLN B 210 -7.01 -2.39 -2.88
C GLN B 210 -8.07 -1.85 -3.85
N ALA B 211 -7.69 -0.92 -4.73
CA ALA B 211 -8.63 -0.24 -5.66
C ALA B 211 -7.90 -0.03 -6.98
N TYR B 212 -8.52 -0.38 -8.12
CA TYR B 212 -7.91 -0.12 -9.45
C TYR B 212 -8.80 0.89 -10.18
N PRO B 213 -8.27 2.07 -10.54
CA PRO B 213 -9.07 3.05 -11.28
C PRO B 213 -9.24 2.55 -12.71
N GLU B 214 -10.45 2.11 -13.08
CA GLU B 214 -10.69 1.42 -14.38
C GLU B 214 -11.10 2.41 -15.48
N TYR B 215 -11.93 3.39 -15.15
CA TYR B 215 -12.43 4.39 -16.13
C TYR B 215 -12.43 5.77 -15.50
N LEU B 216 -12.17 6.79 -16.32
CA LEU B 216 -12.28 8.22 -15.97
C LEU B 216 -13.41 8.84 -16.81
N ILE B 217 -14.49 9.24 -16.14
CA ILE B 217 -15.64 9.97 -16.75
C ILE B 217 -15.35 11.48 -16.62
N THR B 218 -15.37 12.23 -17.72
CA THR B 218 -15.35 13.71 -17.74
C THR B 218 -16.75 14.16 -18.12
N PHE B 219 -17.34 15.05 -17.33
CA PHE B 219 -18.77 15.42 -17.44
C PHE B 219 -18.92 16.89 -17.04
N THR B 220 -20.07 17.45 -17.39
CA THR B 220 -20.38 18.90 -17.24
C THR B 220 -21.86 19.03 -16.88
N ALA B 221 -22.22 20.17 -16.30
CA ALA B 221 -23.63 20.62 -16.18
C ALA B 221 -24.15 20.95 -17.59
#